data_2AUD
#
_entry.id   2AUD
#
_cell.length_a   59.74
_cell.length_b   59.74
_cell.length_c   164.44
_cell.angle_alpha   90
_cell.angle_beta   90
_cell.angle_gamma   90
#
_symmetry.space_group_name_H-M   'P 43 21 2'
#
loop_
_entity.id
_entity.type
_entity.pdbx_description
1 polymer 'Type II restriction enzyme HincII'
2 water water
#
_entity_poly.entity_id   1
_entity_poly.type   'polypeptide(L)'
_entity_poly.pdbx_seq_one_letter_code
;SFIKPIYQDINSILIGQKVKRPKSGTLSGHAAGEPFEKLVYKFLKENLSDLTFKQYEYLNDLFMKNPAIIGHEARYKLFN
SPTLLFLLSRGKAATENWSIENLFEEKQNDTADILLVKNQFYELLDVKTRNISKSAQSPNIISAYKLAQTCAKMIDNKEF
DLFDINYLEVDWELNGEDLVCVSTSFAELFKSEPSELYINWAAAMQIQFHVRDLDQGFNGTREEWAKSYLKHFVTQAEQR
AISMIDKFVKPFKKYIL
;
_entity_poly.pdbx_strand_id   A
#
# COMPACT_ATOMS: atom_id res chain seq x y z
N SER A 1 -7.09 6.42 11.18
CA SER A 1 -5.65 6.66 10.90
C SER A 1 -4.95 7.14 12.17
N PHE A 2 -3.67 6.81 12.29
CA PHE A 2 -2.90 7.22 13.45
C PHE A 2 -2.04 8.43 13.12
N ILE A 3 -1.32 8.35 12.02
CA ILE A 3 -0.44 9.42 11.60
C ILE A 3 -1.18 10.74 11.34
N LYS A 4 -2.47 10.65 11.04
CA LYS A 4 -3.28 11.83 10.76
C LYS A 4 -3.40 12.80 11.94
N PRO A 5 -3.93 12.34 13.08
CA PRO A 5 -4.08 13.21 14.25
C PRO A 5 -2.88 14.11 14.50
N ILE A 6 -1.70 13.66 14.06
CA ILE A 6 -0.47 14.44 14.24
C ILE A 6 0.10 14.86 12.89
N TYR A 7 -0.61 14.53 11.81
CA TYR A 7 -0.17 14.88 10.47
C TYR A 7 0.29 16.32 10.42
N GLN A 8 -0.48 17.22 11.03
CA GLN A 8 -0.16 18.63 11.06
C GLN A 8 1.32 18.80 11.41
N ASP A 9 1.76 18.12 12.45
CA ASP A 9 3.15 18.20 12.88
C ASP A 9 4.09 17.81 11.75
N ILE A 10 4.08 16.52 11.40
CA ILE A 10 4.94 15.97 10.35
C ILE A 10 5.01 16.89 9.14
N ASN A 11 3.85 17.37 8.71
CA ASN A 11 3.77 18.25 7.56
C ASN A 11 4.68 19.45 7.69
N SER A 12 4.44 20.27 8.71
CA SER A 12 5.24 21.46 8.95
C SER A 12 6.69 21.12 9.26
N ILE A 13 6.89 19.99 9.92
CA ILE A 13 8.23 19.55 10.29
C ILE A 13 9.07 19.13 9.09
N LEU A 14 8.40 18.69 8.03
CA LEU A 14 9.11 18.24 6.85
C LEU A 14 9.05 19.22 5.68
N ILE A 15 8.00 20.03 5.62
CA ILE A 15 7.82 20.99 4.54
C ILE A 15 9.04 21.86 4.28
N GLY A 16 9.97 21.91 5.23
CA GLY A 16 11.17 22.70 5.05
C GLY A 16 12.38 21.86 5.42
N GLN A 17 12.42 20.63 4.89
CA GLN A 17 13.51 19.73 5.21
C GLN A 17 14.77 19.87 4.36
N LYS A 18 15.55 18.80 4.33
CA LYS A 18 16.83 18.78 3.62
C LYS A 18 17.19 17.37 3.18
N VAL A 19 18.16 17.27 2.27
CA VAL A 19 18.68 16.01 1.72
C VAL A 19 19.66 16.27 0.57
N LYS A 20 20.67 15.41 0.45
CA LYS A 20 21.65 15.55 -0.61
C LYS A 20 21.11 14.99 -1.92
N ARG A 21 22.00 14.55 -2.80
CA ARG A 21 21.59 14.00 -4.09
C ARG A 21 20.59 12.86 -3.91
N ALA A 31 13.15 5.23 -11.18
CA ALA A 31 13.43 5.14 -9.75
C ALA A 31 14.61 6.03 -9.36
N ALA A 32 15.20 5.70 -8.22
CA ALA A 32 16.34 6.40 -7.62
C ALA A 32 16.20 6.18 -6.12
N GLY A 33 15.55 7.13 -5.45
CA GLY A 33 15.36 7.02 -4.02
C GLY A 33 15.09 8.37 -3.40
N GLU A 34 14.36 8.37 -2.29
CA GLU A 34 14.04 9.60 -1.58
C GLU A 34 14.09 9.36 -0.08
N PRO A 35 15.18 9.77 0.57
CA PRO A 35 15.37 9.61 2.00
C PRO A 35 14.22 10.17 2.83
N PHE A 36 13.40 11.01 2.19
CA PHE A 36 12.27 11.62 2.88
C PHE A 36 11.43 10.59 3.62
N GLU A 37 11.44 9.36 3.13
CA GLU A 37 10.67 8.29 3.77
C GLU A 37 11.26 7.96 5.13
N LYS A 38 12.58 7.82 5.17
CA LYS A 38 13.27 7.52 6.42
C LYS A 38 12.99 8.59 7.46
N LEU A 39 12.64 9.79 6.99
CA LEU A 39 12.36 10.90 7.89
C LEU A 39 11.04 10.78 8.63
N VAL A 40 10.12 10.00 8.08
CA VAL A 40 8.81 9.80 8.70
C VAL A 40 8.82 8.59 9.63
N TYR A 41 9.68 7.62 9.34
CA TYR A 41 9.77 6.42 10.16
C TYR A 41 10.11 6.83 11.59
N LYS A 42 11.13 7.68 11.75
CA LYS A 42 11.54 8.14 13.08
C LYS A 42 10.56 9.21 13.56
N PHE A 43 10.16 10.10 12.67
CA PHE A 43 9.21 11.15 13.02
C PHE A 43 8.08 10.44 13.76
N LEU A 44 7.84 9.20 13.34
CA LEU A 44 6.81 8.36 13.94
C LEU A 44 7.45 7.33 14.87
N LYS A 45 8.76 7.13 14.73
CA LYS A 45 9.47 6.17 15.58
C LYS A 45 9.59 6.76 16.97
N GLU A 46 10.11 7.99 17.02
CA GLU A 46 10.29 8.70 18.28
C GLU A 46 8.89 8.99 18.83
N ASN A 47 8.24 9.99 18.24
CA ASN A 47 6.91 10.41 18.64
C ASN A 47 5.89 9.26 18.74
N LEU A 48 5.89 8.36 17.76
CA LEU A 48 4.96 7.24 17.80
C LEU A 48 5.63 5.90 18.03
N SER A 49 6.24 5.73 19.19
CA SER A 49 6.90 4.47 19.52
C SER A 49 5.81 3.48 19.86
N ASP A 50 6.11 2.19 19.75
CA ASP A 50 5.16 1.13 20.05
C ASP A 50 4.19 0.84 18.92
N LEU A 51 3.90 1.84 18.09
CA LEU A 51 2.96 1.66 16.98
C LEU A 51 3.68 1.46 15.64
N THR A 52 4.66 2.32 15.40
CA THR A 52 5.43 2.28 14.17
C THR A 52 6.17 0.96 13.96
N PHE A 53 6.19 0.52 12.70
CA PHE A 53 6.82 -0.74 12.33
C PHE A 53 7.18 -0.79 10.86
N LYS A 54 8.27 -1.47 10.54
CA LYS A 54 8.63 -1.67 9.14
C LYS A 54 7.90 -2.98 8.93
N GLN A 55 7.29 -3.19 7.77
CA GLN A 55 6.57 -4.45 7.57
C GLN A 55 7.37 -5.68 7.96
N TYR A 56 8.54 -5.85 7.37
CA TYR A 56 9.39 -7.01 7.67
C TYR A 56 9.70 -7.03 9.15
N GLU A 57 9.83 -5.85 9.73
CA GLU A 57 10.12 -5.72 11.15
C GLU A 57 8.93 -6.30 11.91
N TYR A 58 7.71 -5.92 11.51
CA TYR A 58 6.51 -6.41 12.16
C TYR A 58 6.39 -7.93 12.07
N LEU A 59 6.81 -8.49 10.93
CA LEU A 59 6.78 -9.93 10.71
C LEU A 59 7.74 -10.66 11.65
N ASN A 60 8.97 -10.14 11.78
CA ASN A 60 9.95 -10.76 12.70
C ASN A 60 9.43 -10.72 14.13
N ASP A 61 8.87 -9.57 14.49
CA ASP A 61 8.33 -9.35 15.82
C ASP A 61 7.23 -10.36 16.13
N LEU A 62 6.36 -10.59 15.15
CA LEU A 62 5.24 -11.53 15.32
C LEU A 62 5.71 -12.97 15.49
N PHE A 63 6.71 -13.38 14.74
CA PHE A 63 7.18 -14.74 14.88
C PHE A 63 8.05 -14.89 16.12
N MET A 64 8.80 -13.85 16.47
CA MET A 64 9.65 -13.93 17.66
C MET A 64 8.79 -14.11 18.91
N LYS A 65 7.60 -13.53 18.93
CA LYS A 65 6.70 -13.64 20.08
C LYS A 65 6.07 -15.02 20.20
N ASN A 66 6.22 -15.86 19.18
CA ASN A 66 5.64 -17.20 19.20
C ASN A 66 6.71 -18.19 18.72
N PRO A 67 7.88 -18.22 19.38
CA PRO A 67 8.98 -19.11 19.00
C PRO A 67 8.68 -20.59 18.96
N ALA A 68 7.66 -21.00 19.67
CA ALA A 68 7.27 -22.40 19.71
C ALA A 68 6.49 -22.73 18.45
N ILE A 69 6.10 -21.69 17.73
CA ILE A 69 5.35 -21.89 16.51
C ILE A 69 6.30 -22.00 15.31
N ILE A 70 6.32 -23.19 14.71
CA ILE A 70 7.18 -23.53 13.57
C ILE A 70 6.41 -24.00 12.34
N GLY A 71 7.02 -23.86 11.16
CA GLY A 71 6.36 -24.28 9.92
C GLY A 71 5.50 -23.16 9.37
N HIS A 72 5.31 -23.08 8.06
CA HIS A 72 4.51 -21.98 7.51
C HIS A 72 3.04 -22.00 7.91
N GLU A 73 2.42 -23.18 7.89
CA GLU A 73 1.01 -23.31 8.24
C GLU A 73 0.69 -22.73 9.61
N ALA A 74 1.45 -23.16 10.62
CA ALA A 74 1.25 -22.70 11.98
C ALA A 74 1.56 -21.23 12.16
N ARG A 75 2.56 -20.73 11.46
CA ARG A 75 2.90 -19.31 11.57
C ARG A 75 1.87 -18.44 10.86
N TYR A 76 1.31 -18.97 9.79
CA TYR A 76 0.28 -18.23 9.04
C TYR A 76 -0.91 -17.93 9.91
N LYS A 77 -1.25 -18.84 10.82
CA LYS A 77 -2.39 -18.63 11.70
C LYS A 77 -2.11 -17.49 12.68
N LEU A 78 -0.85 -17.22 12.96
CA LEU A 78 -0.53 -16.16 13.88
C LEU A 78 -1.07 -14.84 13.41
N PHE A 79 -1.47 -14.76 12.14
CA PHE A 79 -2.02 -13.50 11.64
C PHE A 79 -3.47 -13.30 12.07
N ASN A 80 -4.16 -14.39 12.32
CA ASN A 80 -5.57 -14.36 12.73
C ASN A 80 -6.40 -13.52 11.78
N SER A 81 -6.03 -13.54 10.50
CA SER A 81 -6.74 -12.77 9.50
C SER A 81 -6.32 -13.13 8.09
N PRO A 82 -7.24 -13.73 7.32
CA PRO A 82 -6.93 -14.11 5.95
C PRO A 82 -6.44 -12.92 5.12
N THR A 83 -7.09 -11.78 5.28
CA THR A 83 -6.74 -10.59 4.53
C THR A 83 -5.38 -10.03 4.92
N LEU A 84 -5.17 -9.90 6.22
CA LEU A 84 -3.92 -9.40 6.76
C LEU A 84 -2.77 -10.30 6.32
N LEU A 85 -3.05 -11.61 6.31
CA LEU A 85 -2.08 -12.61 5.92
C LEU A 85 -1.75 -12.32 4.47
N PHE A 86 -2.80 -12.17 3.67
CA PHE A 86 -2.63 -11.89 2.27
C PHE A 86 -1.84 -10.60 2.08
N LEU A 87 -2.19 -9.58 2.83
CA LEU A 87 -1.55 -8.28 2.73
C LEU A 87 -0.12 -8.22 3.25
N LEU A 88 0.14 -8.89 4.35
CA LEU A 88 1.44 -8.81 4.98
C LEU A 88 2.46 -9.95 4.92
N SER A 89 1.99 -11.18 4.79
CA SER A 89 2.87 -12.34 4.80
C SER A 89 3.82 -12.56 3.63
N ARG A 90 4.97 -13.14 3.94
CA ARG A 90 5.93 -13.50 2.90
C ARG A 90 5.41 -14.86 2.46
N GLY A 91 5.95 -15.38 1.37
CA GLY A 91 5.50 -16.67 0.87
C GLY A 91 5.72 -17.81 1.84
N LYS A 92 5.33 -19.02 1.44
CA LYS A 92 5.46 -20.19 2.29
C LYS A 92 6.89 -20.61 2.63
N ALA A 93 7.74 -20.76 1.61
CA ALA A 93 9.13 -21.13 1.82
C ALA A 93 9.83 -20.15 2.74
N ALA A 94 9.71 -18.87 2.44
CA ALA A 94 10.34 -17.83 3.25
C ALA A 94 9.81 -17.88 4.67
N THR A 95 8.51 -18.09 4.82
CA THR A 95 7.92 -18.16 6.15
C THR A 95 8.42 -19.42 6.84
N GLU A 96 8.46 -20.53 6.11
CA GLU A 96 8.95 -21.77 6.67
C GLU A 96 10.42 -21.62 7.12
N ASN A 97 11.24 -20.99 6.30
CA ASN A 97 12.66 -20.81 6.57
C ASN A 97 13.06 -19.78 7.64
N TRP A 98 12.14 -18.89 8.04
CA TRP A 98 12.44 -17.88 9.06
C TRP A 98 12.82 -18.68 10.32
N SER A 99 13.81 -18.23 11.08
CA SER A 99 14.21 -19.01 12.26
C SER A 99 14.81 -18.28 13.45
N ILE A 100 14.19 -17.20 13.94
CA ILE A 100 14.74 -16.48 15.09
C ILE A 100 16.13 -15.88 14.83
N GLU A 101 17.06 -16.67 14.29
CA GLU A 101 18.40 -16.16 14.00
C GLU A 101 18.56 -15.91 12.49
N ASN A 102 17.46 -16.06 11.76
CA ASN A 102 17.44 -15.84 10.32
C ASN A 102 16.18 -15.02 10.09
N LEU A 103 16.27 -13.74 10.46
CA LEU A 103 15.16 -12.81 10.36
C LEU A 103 14.95 -12.30 8.95
N PHE A 104 13.75 -11.78 8.71
CA PHE A 104 13.39 -11.21 7.42
C PHE A 104 14.15 -9.89 7.33
N GLU A 105 14.39 -9.46 6.10
CA GLU A 105 15.08 -8.20 5.84
C GLU A 105 14.15 -7.34 5.00
N GLU A 106 14.38 -6.03 5.02
CA GLU A 106 13.56 -5.09 4.26
C GLU A 106 13.44 -5.61 2.84
N LYS A 107 12.22 -5.61 2.32
CA LYS A 107 11.98 -6.08 0.97
C LYS A 107 11.39 -4.96 0.15
N GLN A 108 11.56 -5.06 -1.17
CA GLN A 108 11.09 -4.04 -2.09
C GLN A 108 9.58 -4.08 -2.39
N ASN A 109 9.03 -5.29 -2.53
CA ASN A 109 7.62 -5.46 -2.84
C ASN A 109 6.66 -5.48 -1.64
N ASP A 110 7.17 -5.22 -0.44
CA ASP A 110 6.31 -5.22 0.75
C ASP A 110 5.15 -4.25 0.56
N THR A 111 3.94 -4.72 0.84
CA THR A 111 2.75 -3.91 0.69
C THR A 111 2.88 -2.48 1.22
N ALA A 112 3.31 -2.34 2.48
CA ALA A 112 3.43 -1.02 3.07
C ALA A 112 4.85 -0.57 3.42
N ASP A 113 5.19 0.65 3.03
CA ASP A 113 6.50 1.24 3.31
C ASP A 113 6.65 1.35 4.83
N ILE A 114 5.55 1.62 5.50
CA ILE A 114 5.53 1.75 6.96
C ILE A 114 4.23 1.17 7.47
N LEU A 115 4.28 0.50 8.62
CA LEU A 115 3.10 -0.11 9.21
C LEU A 115 2.89 0.42 10.62
N LEU A 116 1.67 0.89 10.88
CA LEU A 116 1.31 1.41 12.20
C LEU A 116 0.27 0.48 12.80
N VAL A 117 0.63 -0.20 13.89
CA VAL A 117 -0.29 -1.13 14.52
C VAL A 117 -0.66 -0.67 15.93
N LYS A 118 -1.90 -0.93 16.32
CA LYS A 118 -2.36 -0.56 17.65
C LYS A 118 -3.73 -1.15 17.97
N ASN A 119 -3.75 -2.05 18.94
CA ASN A 119 -4.99 -2.68 19.37
C ASN A 119 -5.70 -3.49 18.30
N GLN A 120 -4.95 -4.32 17.59
CA GLN A 120 -5.50 -5.17 16.53
C GLN A 120 -5.83 -4.42 15.24
N PHE A 121 -5.58 -3.12 15.21
CA PHE A 121 -5.86 -2.35 14.02
C PHE A 121 -4.59 -1.97 13.27
N TYR A 122 -4.63 -2.06 11.94
CA TYR A 122 -3.44 -1.75 11.14
C TYR A 122 -3.62 -0.63 10.13
N GLU A 123 -2.54 0.08 9.88
CA GLU A 123 -2.54 1.17 8.93
C GLU A 123 -1.40 1.03 7.91
N LEU A 124 -1.70 0.43 6.76
CA LEU A 124 -0.69 0.28 5.72
C LEU A 124 -0.42 1.68 5.20
N LEU A 125 0.68 2.26 5.62
CA LEU A 125 1.03 3.60 5.19
C LEU A 125 2.17 3.58 4.20
N ASP A 126 1.96 4.21 3.05
CA ASP A 126 2.98 4.31 2.02
C ASP A 126 3.39 5.76 1.94
N VAL A 127 4.59 6.00 1.43
CA VAL A 127 5.10 7.35 1.30
C VAL A 127 5.63 7.58 -0.10
N LYS A 128 5.05 8.56 -0.79
CA LYS A 128 5.48 8.86 -2.15
C LYS A 128 6.22 10.19 -2.17
N THR A 129 7.07 10.37 -3.19
CA THR A 129 7.86 11.60 -3.34
C THR A 129 8.05 12.02 -4.79
N ARG A 130 7.78 13.28 -5.08
CA ARG A 130 7.94 13.79 -6.44
C ARG A 130 8.72 15.10 -6.50
N GLN A 137 3.38 12.57 -14.71
CA GLN A 137 3.37 11.11 -14.70
C GLN A 137 3.15 10.56 -13.29
N SER A 138 1.90 10.30 -12.95
CA SER A 138 1.55 9.78 -11.63
C SER A 138 2.28 8.47 -11.37
N PRO A 139 2.78 8.29 -10.14
CA PRO A 139 3.50 7.08 -9.75
C PRO A 139 2.55 5.91 -9.49
N ASN A 140 3.09 4.70 -9.59
CA ASN A 140 2.35 3.47 -9.36
C ASN A 140 2.01 3.41 -7.89
N ILE A 141 0.76 3.17 -7.56
CA ILE A 141 0.42 3.09 -6.14
C ILE A 141 0.05 1.69 -5.68
N ILE A 142 -0.73 0.97 -6.47
CA ILE A 142 -1.15 -0.36 -6.07
C ILE A 142 -1.78 -1.11 -7.25
N SER A 143 -1.37 -2.36 -7.44
CA SER A 143 -1.89 -3.22 -8.49
C SER A 143 -3.40 -3.30 -8.30
N ALA A 144 -4.15 -3.00 -9.37
CA ALA A 144 -5.60 -3.04 -9.31
C ALA A 144 -6.08 -4.45 -8.99
N TYR A 145 -5.31 -5.44 -9.41
CA TYR A 145 -5.67 -6.82 -9.15
C TYR A 145 -5.47 -7.18 -7.68
N LYS A 146 -4.37 -6.71 -7.09
CA LYS A 146 -4.13 -6.99 -5.67
C LYS A 146 -5.18 -6.25 -4.85
N LEU A 147 -5.63 -5.10 -5.34
CA LEU A 147 -6.64 -4.35 -4.62
C LEU A 147 -7.96 -5.13 -4.73
N ALA A 148 -8.18 -5.80 -5.86
CA ALA A 148 -9.39 -6.57 -6.04
C ALA A 148 -9.36 -7.79 -5.15
N GLN A 149 -8.20 -8.45 -5.11
CA GLN A 149 -8.06 -9.63 -4.27
C GLN A 149 -8.24 -9.17 -2.82
N THR A 150 -7.76 -7.98 -2.48
CA THR A 150 -7.91 -7.52 -1.10
C THR A 150 -9.39 -7.32 -0.77
N CYS A 151 -10.14 -6.67 -1.67
CA CYS A 151 -11.55 -6.46 -1.40
C CYS A 151 -12.31 -7.79 -1.33
N ALA A 152 -11.95 -8.74 -2.18
CA ALA A 152 -12.65 -10.03 -2.13
C ALA A 152 -12.41 -10.73 -0.79
N LYS A 153 -11.21 -10.59 -0.22
CA LYS A 153 -10.91 -11.23 1.06
C LYS A 153 -11.67 -10.55 2.21
N MET A 154 -11.76 -9.23 2.16
CA MET A 154 -12.49 -8.52 3.19
C MET A 154 -13.92 -9.04 3.22
N ILE A 155 -14.58 -9.05 2.05
CA ILE A 155 -15.95 -9.51 1.92
C ILE A 155 -16.13 -10.97 2.28
N ASP A 156 -15.23 -11.82 1.78
CA ASP A 156 -15.32 -13.26 2.08
C ASP A 156 -15.21 -13.54 3.58
N ASN A 157 -14.36 -12.79 4.26
CA ASN A 157 -14.16 -13.00 5.69
C ASN A 157 -14.83 -11.98 6.59
N LYS A 158 -15.56 -11.07 5.96
CA LYS A 158 -16.28 -10.04 6.69
C LYS A 158 -15.34 -9.24 7.60
N GLU A 159 -14.24 -8.77 7.04
CA GLU A 159 -13.30 -7.99 7.82
C GLU A 159 -13.25 -6.56 7.30
N PHE A 160 -14.08 -5.68 7.86
CA PHE A 160 -14.14 -4.30 7.40
C PHE A 160 -13.61 -3.25 8.36
N ASP A 161 -12.97 -3.68 9.44
CA ASP A 161 -12.43 -2.75 10.43
C ASP A 161 -11.07 -3.24 10.90
N LEU A 162 -10.34 -3.89 10.01
CA LEU A 162 -9.04 -4.42 10.35
C LEU A 162 -7.87 -3.54 9.97
N PHE A 163 -7.99 -2.86 8.83
CA PHE A 163 -6.90 -2.04 8.33
C PHE A 163 -7.36 -0.93 7.39
N ASP A 164 -6.43 -0.02 7.10
CA ASP A 164 -6.64 1.11 6.21
C ASP A 164 -5.33 1.29 5.44
N ILE A 165 -5.42 1.71 4.19
CA ILE A 165 -4.24 1.95 3.38
C ILE A 165 -4.20 3.45 3.15
N ASN A 166 -3.26 4.12 3.81
CA ASN A 166 -3.14 5.56 3.70
C ASN A 166 -1.87 5.95 3.00
N TYR A 167 -1.71 7.24 2.72
CA TYR A 167 -0.52 7.68 2.02
C TYR A 167 -0.06 9.04 2.55
N LEU A 168 1.24 9.23 2.55
CA LEU A 168 1.84 10.46 3.02
C LEU A 168 2.72 10.91 1.86
N GLU A 169 2.40 12.06 1.28
CA GLU A 169 3.18 12.56 0.16
C GLU A 169 4.05 13.74 0.58
N VAL A 170 5.17 13.93 -0.13
CA VAL A 170 6.09 15.03 0.14
C VAL A 170 6.72 15.49 -1.16
N ASP A 171 6.70 16.80 -1.40
CA ASP A 171 7.28 17.36 -2.61
C ASP A 171 8.65 17.99 -2.37
N TRP A 172 9.50 17.99 -3.39
CA TRP A 172 10.83 18.57 -3.27
C TRP A 172 11.25 19.36 -4.49
N GLU A 173 12.28 20.19 -4.32
CA GLU A 173 12.81 21.03 -5.39
C GLU A 173 14.32 20.85 -5.49
N LEU A 174 14.81 20.63 -6.70
CA LEU A 174 16.24 20.44 -6.92
C LEU A 174 17.02 21.74 -6.80
N ASN A 175 17.80 21.86 -5.73
CA ASN A 175 18.62 23.06 -5.51
C ASN A 175 20.09 22.72 -5.70
N GLY A 176 20.41 22.14 -6.85
CA GLY A 176 21.79 21.75 -7.14
C GLY A 176 22.01 20.28 -6.87
N GLU A 177 22.84 19.98 -5.88
CA GLU A 177 23.14 18.60 -5.51
C GLU A 177 22.31 18.29 -4.26
N ASP A 178 21.32 19.14 -4.02
CA ASP A 178 20.45 19.01 -2.85
C ASP A 178 18.98 18.87 -3.26
N LEU A 179 18.14 18.55 -2.29
CA LEU A 179 16.70 18.42 -2.53
C LEU A 179 15.93 19.00 -1.34
N VAL A 180 15.16 20.05 -1.58
CA VAL A 180 14.40 20.69 -0.51
C VAL A 180 12.89 20.41 -0.59
N CYS A 181 12.32 20.06 0.55
CA CYS A 181 10.90 19.77 0.65
C CYS A 181 10.08 21.04 0.47
N VAL A 182 8.91 20.92 -0.17
CA VAL A 182 8.06 22.08 -0.42
C VAL A 182 6.70 22.02 0.26
N SER A 183 6.10 20.84 0.33
CA SER A 183 4.78 20.68 0.95
C SER A 183 4.40 19.21 1.18
N THR A 184 3.19 19.00 1.68
CA THR A 184 2.72 17.64 1.95
C THR A 184 1.32 17.38 1.45
N SER A 185 0.91 16.12 1.60
CA SER A 185 -0.41 15.66 1.20
C SER A 185 -0.65 14.34 1.95
N PHE A 186 -1.84 14.22 2.54
CA PHE A 186 -2.24 13.02 3.26
C PHE A 186 -3.59 12.60 2.70
N ALA A 187 -3.70 11.32 2.34
CA ALA A 187 -4.94 10.78 1.78
C ALA A 187 -5.21 9.39 2.31
N GLU A 188 -6.45 8.93 2.16
CA GLU A 188 -6.84 7.60 2.61
C GLU A 188 -7.58 6.87 1.51
N LEU A 189 -6.92 5.85 0.95
CA LEU A 189 -7.50 5.07 -0.13
C LEU A 189 -8.99 4.79 0.09
N PHE A 190 -9.36 4.27 1.26
CA PHE A 190 -10.76 3.94 1.48
C PHE A 190 -11.70 5.13 1.73
N LYS A 191 -11.22 6.33 1.45
CA LYS A 191 -12.07 7.51 1.59
C LYS A 191 -12.38 8.06 0.20
N SER A 192 -11.76 7.46 -0.82
CA SER A 192 -11.98 7.91 -2.19
C SER A 192 -13.00 7.03 -2.92
N GLU A 193 -13.83 7.66 -3.76
CA GLU A 193 -14.83 6.89 -4.51
C GLU A 193 -14.05 5.92 -5.37
N PRO A 194 -14.36 4.63 -5.24
CA PRO A 194 -13.69 3.59 -6.02
C PRO A 194 -13.62 3.88 -7.52
N SER A 195 -14.74 4.27 -8.14
CA SER A 195 -14.75 4.52 -9.57
C SER A 195 -13.81 5.64 -10.02
N GLU A 196 -13.29 6.39 -9.06
CA GLU A 196 -12.37 7.47 -9.38
C GLU A 196 -10.95 6.95 -9.56
N LEU A 197 -10.66 5.78 -8.99
CA LEU A 197 -9.32 5.22 -9.10
C LEU A 197 -8.95 4.91 -10.55
N TYR A 198 -7.87 5.52 -11.01
CA TYR A 198 -7.39 5.32 -12.37
C TYR A 198 -6.47 4.12 -12.45
N ILE A 199 -6.76 3.24 -13.39
CA ILE A 199 -6.00 2.02 -13.60
C ILE A 199 -5.27 2.09 -14.93
N ASN A 200 -3.95 2.03 -14.88
CA ASN A 200 -3.14 2.06 -16.09
C ASN A 200 -2.86 0.62 -16.51
N TRP A 201 -3.74 0.06 -17.33
CA TRP A 201 -3.60 -1.31 -17.76
C TRP A 201 -2.27 -1.60 -18.45
N ALA A 202 -1.85 -0.70 -19.32
CA ALA A 202 -0.59 -0.88 -20.03
C ALA A 202 0.54 -0.92 -19.03
N ALA A 203 0.43 -0.09 -18.00
CA ALA A 203 1.45 -0.04 -16.98
C ALA A 203 1.22 -1.16 -15.98
N ALA A 204 1.26 -2.40 -16.47
CA ALA A 204 1.08 -3.53 -15.59
C ALA A 204 -0.11 -3.40 -14.63
N MET A 205 -1.25 -2.94 -15.14
CA MET A 205 -2.45 -2.80 -14.32
C MET A 205 -2.27 -2.01 -13.04
N GLN A 206 -1.26 -1.17 -12.98
CA GLN A 206 -1.03 -0.41 -11.77
C GLN A 206 -1.92 0.82 -11.72
N ILE A 207 -2.45 1.07 -10.53
CA ILE A 207 -3.31 2.24 -10.28
C ILE A 207 -2.33 3.39 -10.05
N GLN A 208 -2.56 4.54 -10.68
CA GLN A 208 -1.68 5.68 -10.50
C GLN A 208 -2.43 6.95 -10.13
N PHE A 209 -1.81 7.76 -9.28
CA PHE A 209 -2.39 9.02 -8.84
C PHE A 209 -1.52 9.70 -7.80
N HIS A 210 -1.46 11.02 -7.86
CA HIS A 210 -0.69 11.79 -6.90
C HIS A 210 -1.60 11.87 -5.68
N VAL A 211 -1.01 11.77 -4.49
CA VAL A 211 -1.77 11.79 -3.26
C VAL A 211 -2.57 13.08 -3.11
N ARG A 212 -1.97 14.19 -3.54
CA ARG A 212 -2.60 15.49 -3.47
C ARG A 212 -3.90 15.50 -4.27
N ASP A 213 -3.86 14.82 -5.41
CA ASP A 213 -5.03 14.77 -6.28
C ASP A 213 -5.98 13.64 -5.95
N LEU A 214 -5.57 12.72 -5.08
CA LEU A 214 -6.44 11.62 -4.71
C LEU A 214 -7.75 12.19 -4.17
N ASP A 215 -8.83 11.45 -4.33
CA ASP A 215 -10.12 11.90 -3.86
C ASP A 215 -10.35 11.43 -2.42
N GLN A 216 -11.25 12.12 -1.71
CA GLN A 216 -11.56 11.78 -0.33
C GLN A 216 -13.03 12.00 -0.02
N GLY A 217 -13.89 11.89 -1.04
CA GLY A 217 -15.30 12.13 -0.80
C GLY A 217 -16.19 10.94 -0.49
N PHE A 218 -15.66 9.74 -0.58
CA PHE A 218 -16.47 8.56 -0.30
C PHE A 218 -17.15 8.73 1.05
N ASN A 219 -18.36 8.18 1.19
CA ASN A 219 -19.09 8.28 2.45
C ASN A 219 -19.79 7.00 2.86
N GLY A 220 -19.77 5.99 1.98
CA GLY A 220 -20.39 4.72 2.29
C GLY A 220 -19.58 3.89 3.27
N THR A 221 -20.10 2.73 3.67
CA THR A 221 -19.39 1.87 4.60
C THR A 221 -18.15 1.29 3.93
N ARG A 222 -17.28 0.67 4.72
CA ARG A 222 -16.07 0.08 4.16
C ARG A 222 -16.44 -1.03 3.18
N GLU A 223 -17.41 -1.86 3.58
CA GLU A 223 -17.90 -2.96 2.77
C GLU A 223 -18.45 -2.48 1.43
N GLU A 224 -19.08 -1.31 1.43
CA GLU A 224 -19.64 -0.74 0.21
C GLU A 224 -18.50 -0.26 -0.66
N TRP A 225 -17.37 0.04 -0.01
CA TRP A 225 -16.20 0.51 -0.74
C TRP A 225 -15.58 -0.68 -1.45
N ALA A 226 -15.67 -1.86 -0.82
CA ALA A 226 -15.09 -3.07 -1.39
C ALA A 226 -15.89 -3.55 -2.61
N LYS A 227 -17.21 -3.49 -2.50
CA LYS A 227 -18.06 -3.91 -3.61
C LYS A 227 -17.92 -2.91 -4.74
N SER A 228 -17.98 -1.62 -4.40
CA SER A 228 -17.84 -0.55 -5.38
C SER A 228 -16.53 -0.62 -6.12
N TYR A 229 -15.46 -0.94 -5.42
CA TYR A 229 -14.18 -1.04 -6.10
C TYR A 229 -14.22 -2.25 -7.01
N LEU A 230 -14.82 -3.33 -6.54
CA LEU A 230 -14.89 -4.53 -7.34
C LEU A 230 -15.69 -4.29 -8.62
N LYS A 231 -16.83 -3.62 -8.49
CA LYS A 231 -17.69 -3.30 -9.63
C LYS A 231 -16.90 -2.49 -10.65
N HIS A 232 -16.15 -1.51 -10.15
CA HIS A 232 -15.34 -0.66 -11.00
C HIS A 232 -14.21 -1.47 -11.65
N PHE A 233 -13.57 -2.35 -10.90
CA PHE A 233 -12.49 -3.17 -11.44
C PHE A 233 -12.99 -4.11 -12.55
N VAL A 234 -14.03 -4.88 -12.25
CA VAL A 234 -14.59 -5.82 -13.22
C VAL A 234 -15.04 -5.16 -14.52
N THR A 235 -15.74 -4.06 -14.39
CA THR A 235 -16.21 -3.33 -15.54
C THR A 235 -15.03 -2.88 -16.39
N GLN A 236 -14.03 -2.29 -15.74
CA GLN A 236 -12.86 -1.83 -16.48
C GLN A 236 -12.13 -2.98 -17.14
N ALA A 237 -11.90 -4.07 -16.41
CA ALA A 237 -11.20 -5.21 -16.98
C ALA A 237 -11.99 -5.71 -18.18
N GLU A 238 -13.29 -5.84 -17.99
CA GLU A 238 -14.15 -6.33 -19.03
C GLU A 238 -14.07 -5.47 -20.28
N GLN A 239 -14.20 -4.16 -20.15
CA GLN A 239 -14.13 -3.36 -21.37
C GLN A 239 -12.73 -3.34 -21.97
N ARG A 240 -11.71 -3.54 -21.14
CA ARG A 240 -10.35 -3.53 -21.66
C ARG A 240 -10.13 -4.75 -22.55
N ALA A 241 -10.65 -5.90 -22.11
CA ALA A 241 -10.51 -7.13 -22.87
C ALA A 241 -11.28 -7.01 -24.19
N ILE A 242 -12.49 -6.49 -24.15
CA ILE A 242 -13.25 -6.34 -25.39
C ILE A 242 -12.50 -5.35 -26.28
N SER A 243 -11.89 -4.36 -25.64
CA SER A 243 -11.13 -3.37 -26.37
C SER A 243 -9.91 -4.01 -27.07
N MET A 244 -9.28 -4.99 -26.42
CA MET A 244 -8.14 -5.67 -27.01
C MET A 244 -8.60 -6.42 -28.26
N ILE A 245 -9.75 -7.09 -28.15
CA ILE A 245 -10.29 -7.82 -29.27
C ILE A 245 -10.55 -6.86 -30.44
N ASP A 246 -11.31 -5.80 -30.19
CA ASP A 246 -11.62 -4.84 -31.24
C ASP A 246 -10.45 -4.12 -31.90
N LYS A 247 -9.36 -3.92 -31.18
CA LYS A 247 -8.22 -3.20 -31.73
C LYS A 247 -7.09 -4.08 -32.24
N PHE A 248 -6.78 -5.13 -31.50
CA PHE A 248 -5.66 -6.03 -31.81
C PHE A 248 -5.98 -7.36 -32.48
N VAL A 249 -7.25 -7.72 -32.53
CA VAL A 249 -7.62 -9.00 -33.10
C VAL A 249 -8.39 -8.87 -34.41
N LYS A 250 -9.64 -8.39 -34.30
CA LYS A 250 -10.53 -8.20 -35.44
C LYS A 250 -9.99 -7.42 -36.65
N PRO A 251 -9.23 -6.34 -36.41
CA PRO A 251 -8.72 -5.58 -37.55
C PRO A 251 -7.61 -6.32 -38.31
N PHE A 252 -6.97 -7.27 -37.65
CA PHE A 252 -5.90 -8.02 -38.28
C PHE A 252 -6.25 -9.42 -38.84
N LYS A 253 -7.45 -9.93 -38.58
CA LYS A 253 -7.82 -11.24 -39.09
C LYS A 253 -7.69 -11.38 -40.60
N LYS A 254 -8.14 -10.38 -41.34
CA LYS A 254 -8.07 -10.43 -42.80
C LYS A 254 -6.67 -10.71 -43.36
N TYR A 255 -5.65 -10.56 -42.51
CA TYR A 255 -4.26 -10.79 -42.90
C TYR A 255 -3.74 -12.19 -42.63
N ILE A 256 -4.41 -12.92 -41.75
CA ILE A 256 -3.95 -14.25 -41.37
C ILE A 256 -4.90 -15.42 -41.67
N LEU A 257 -6.07 -15.11 -42.22
CA LEU A 257 -7.05 -16.15 -42.54
C LEU A 257 -6.97 -16.52 -44.02
#